data_1BT8
#
_entry.id   1BT8
#
_cell.length_a   78.689
_cell.length_b   87.293
_cell.length_c   110.841
_cell.angle_alpha   90.00
_cell.angle_beta   90.00
_cell.angle_gamma   90.00
#
_symmetry.space_group_name_H-M   'C 2 2 21'
#
loop_
_entity.id
_entity.type
_entity.pdbx_description
1 polymer 'SUPEROXIDE DISMUTASE'
2 non-polymer 'FE (III) ION'
3 water water
#
_entity_poly.entity_id   1
_entity_poly.type   'polypeptide(L)'
_entity_poly.pdbx_seq_one_letter_code
;AVYTLPELPYDYSALEPYISGEIMELHHDKHHKAYVDGANTALDKLAEARDKADFGAINKLEKDLAFNLAGHVNHSVFWK
NMAPKGSAPERPTDELGAAIDEFFGSFDNMKAQFTAAATGIQGSGWASLVWDPLGKRINTLQFYDHQNNLPAGSIPLLQL
DMWEHAFYLQYKNVKGDYVKSWWNVVNWDDVALRFSEARVA
;
_entity_poly.pdbx_strand_id   A,B
#
loop_
_chem_comp.id
_chem_comp.type
_chem_comp.name
_chem_comp.formula
FE non-polymer 'FE (III) ION' 'Fe 3'
#
# COMPACT_ATOMS: atom_id res chain seq x y z
N ALA A 1 18.85 17.09 14.87
CA ALA A 1 17.75 16.62 13.97
C ALA A 1 16.50 17.49 14.13
N VAL A 2 15.82 17.76 13.03
CA VAL A 2 14.62 18.57 13.05
C VAL A 2 13.44 17.77 13.58
N TYR A 3 13.38 16.49 13.22
CA TYR A 3 12.30 15.61 13.65
C TYR A 3 12.82 14.51 14.57
N THR A 4 11.98 14.08 15.50
CA THR A 4 12.32 13.03 16.46
C THR A 4 11.15 12.10 16.71
N LEU A 5 11.46 10.85 17.05
CA LEU A 5 10.45 9.83 17.31
C LEU A 5 9.78 10.05 18.67
N PRO A 6 8.46 10.31 18.68
CA PRO A 6 7.75 10.52 19.94
C PRO A 6 7.62 9.19 20.68
N GLU A 7 7.53 9.25 21.99
CA GLU A 7 7.39 8.03 22.78
C GLU A 7 5.90 7.73 22.95
N LEU A 8 5.56 6.44 23.07
CA LEU A 8 4.17 6.03 23.26
C LEU A 8 3.71 6.38 24.66
N PRO A 9 2.45 6.86 24.80
CA PRO A 9 1.91 7.23 26.11
C PRO A 9 1.44 6.01 26.92
N TYR A 10 1.75 4.82 26.41
CA TYR A 10 1.39 3.55 27.05
C TYR A 10 2.35 2.45 26.60
N ASP A 11 2.23 1.27 27.20
CA ASP A 11 3.09 0.15 26.83
C ASP A 11 2.60 -0.46 25.52
N TYR A 12 3.46 -1.23 24.86
CA TYR A 12 3.11 -1.86 23.59
C TYR A 12 1.90 -2.79 23.63
N SER A 13 1.71 -3.48 24.75
CA SER A 13 0.59 -4.41 24.90
C SER A 13 -0.63 -3.83 25.60
N ALA A 14 -0.62 -2.52 25.84
CA ALA A 14 -1.72 -1.85 26.53
C ALA A 14 -3.06 -1.83 25.78
N LEU A 15 -3.01 -1.99 24.46
CA LEU A 15 -4.24 -1.98 23.66
C LEU A 15 -4.87 -3.35 23.39
N GLU A 16 -4.22 -4.41 23.87
CA GLU A 16 -4.75 -5.76 23.67
C GLU A 16 -6.09 -5.91 24.39
N PRO A 17 -6.97 -6.80 23.89
CA PRO A 17 -6.80 -7.69 22.73
C PRO A 17 -7.14 -7.07 21.38
N TYR A 18 -7.60 -5.81 21.41
CA TYR A 18 -7.98 -5.10 20.20
C TYR A 18 -6.86 -4.92 19.19
N ILE A 19 -5.68 -4.53 19.66
CA ILE A 19 -4.52 -4.38 18.80
C ILE A 19 -3.34 -5.03 19.49
N SER A 20 -2.78 -6.05 18.82
CA SER A 20 -1.64 -6.82 19.31
C SER A 20 -0.41 -5.98 19.64
N GLY A 21 0.26 -6.34 20.74
CA GLY A 21 1.46 -5.64 21.15
C GLY A 21 2.61 -5.91 20.20
N GLU A 22 2.50 -7.01 19.45
CA GLU A 22 3.51 -7.37 18.45
C GLU A 22 3.47 -6.35 17.30
N ILE A 23 2.25 -6.01 16.89
CA ILE A 23 2.05 -5.03 15.83
C ILE A 23 2.47 -3.64 16.30
N MET A 24 2.12 -3.29 17.55
CA MET A 24 2.46 -1.98 18.10
C MET A 24 3.95 -1.73 18.15
N GLU A 25 4.72 -2.74 18.55
CA GLU A 25 6.18 -2.61 18.70
C GLU A 25 6.83 -2.41 17.31
N LEU A 26 6.49 -3.22 16.34
CA LEU A 26 7.07 -3.10 14.99
C LEU A 26 6.65 -1.78 14.34
N HIS A 27 5.38 -1.45 14.51
CA HIS A 27 4.79 -0.24 13.95
C HIS A 27 5.44 1.05 14.43
N HIS A 28 5.80 1.10 15.71
CA HIS A 28 6.42 2.27 16.30
C HIS A 28 7.95 2.25 16.20
N ASP A 29 8.56 1.18 16.69
CA ASP A 29 10.01 1.04 16.70
C ASP A 29 10.67 0.94 15.31
N LYS A 30 9.98 0.29 14.37
CA LYS A 30 10.52 0.12 13.03
C LYS A 30 9.96 1.09 12.00
N HIS A 31 8.65 1.02 11.78
CA HIS A 31 7.99 1.87 10.80
C HIS A 31 8.04 3.38 11.04
N HIS A 32 7.57 3.83 12.20
CA HIS A 32 7.58 5.26 12.51
C HIS A 32 8.99 5.84 12.52
N LYS A 33 9.93 5.11 13.12
CA LYS A 33 11.32 5.56 13.19
C LYS A 33 11.87 5.85 11.79
N ALA A 34 11.48 5.01 10.82
CA ALA A 34 11.93 5.16 9.44
C ALA A 34 11.51 6.48 8.81
N TYR A 35 10.27 6.92 9.07
CA TYR A 35 9.75 8.18 8.52
C TYR A 35 10.52 9.37 9.09
N VAL A 36 10.96 9.26 10.34
CA VAL A 36 11.70 10.32 11.00
C VAL A 36 13.08 10.47 10.35
N ASP A 37 13.75 9.34 10.12
CA ASP A 37 15.06 9.34 9.49
C ASP A 37 14.98 9.83 8.04
N GLY A 38 13.90 9.44 7.37
CA GLY A 38 13.70 9.82 5.98
C GLY A 38 13.42 11.31 5.82
N ALA A 39 12.58 11.85 6.69
CA ALA A 39 12.22 13.26 6.67
C ALA A 39 13.43 14.13 6.94
N ASN A 40 14.26 13.70 7.90
CA ASN A 40 15.47 14.43 8.26
C ASN A 40 16.49 14.42 7.12
N THR A 41 16.62 13.28 6.45
CA THR A 41 17.55 13.14 5.34
C THR A 41 17.12 14.02 4.17
N ALA A 42 15.81 14.05 3.90
CA ALA A 42 15.25 14.85 2.82
C ALA A 42 15.61 16.32 2.99
N LEU A 43 15.54 16.81 4.22
CA LEU A 43 15.87 18.20 4.50
C LEU A 43 17.37 18.45 4.31
N ASP A 44 18.19 17.48 4.74
CA ASP A 44 19.64 17.59 4.61
C ASP A 44 20.06 17.61 3.14
N LYS A 45 19.36 16.84 2.32
CA LYS A 45 19.67 16.76 0.89
C LYS A 45 19.26 18.06 0.20
N LEU A 46 18.15 18.64 0.64
CA LEU A 46 17.68 19.90 0.08
C LEU A 46 18.65 21.02 0.39
N ALA A 47 19.21 21.00 1.60
CA ALA A 47 20.17 22.00 2.04
C ALA A 47 21.42 21.86 1.18
N GLU A 48 21.73 20.61 0.83
CA GLU A 48 22.87 20.27 0.00
C GLU A 48 22.66 20.86 -1.39
N ALA A 49 21.45 20.69 -1.91
CA ALA A 49 21.07 21.20 -3.23
C ALA A 49 21.26 22.71 -3.33
N ARG A 50 20.72 23.44 -2.37
CA ARG A 50 20.83 24.90 -2.36
C ARG A 50 22.28 25.35 -2.33
N ASP A 51 23.09 24.66 -1.53
CA ASP A 51 24.51 24.98 -1.40
C ASP A 51 25.27 24.77 -2.71
N LYS A 52 24.90 23.73 -3.46
CA LYS A 52 25.55 23.41 -4.73
C LYS A 52 24.86 24.09 -5.90
N ALA A 53 23.69 24.67 -5.65
CA ALA A 53 22.90 25.32 -6.71
C ALA A 53 22.50 24.30 -7.78
N ASP A 54 22.35 23.05 -7.34
CA ASP A 54 21.98 21.95 -8.22
C ASP A 54 20.67 21.34 -7.75
N PHE A 55 19.57 21.70 -8.43
CA PHE A 55 18.25 21.20 -8.08
C PHE A 55 17.76 20.12 -9.05
N GLY A 56 18.70 19.37 -9.62
CA GLY A 56 18.35 18.33 -10.56
C GLY A 56 17.43 17.25 -10.03
N ALA A 57 17.61 16.89 -8.76
CA ALA A 57 16.79 15.86 -8.13
C ALA A 57 15.66 16.44 -7.27
N ILE A 58 15.22 17.65 -7.60
CA ILE A 58 14.14 18.33 -6.86
C ILE A 58 12.84 17.53 -6.77
N ASN A 59 12.45 16.88 -7.85
CA ASN A 59 11.21 16.10 -7.86
C ASN A 59 11.25 14.91 -6.90
N LYS A 60 12.43 14.32 -6.76
CA LYS A 60 12.64 13.19 -5.87
C LYS A 60 12.63 13.65 -4.42
N LEU A 61 13.41 14.67 -4.13
CA LEU A 61 13.52 15.22 -2.78
C LEU A 61 12.20 15.74 -2.23
N GLU A 62 11.41 16.39 -3.09
CA GLU A 62 10.11 16.92 -2.68
C GLU A 62 9.11 15.82 -2.37
N LYS A 63 9.23 14.68 -3.07
CA LYS A 63 8.33 13.56 -2.81
C LYS A 63 8.81 12.82 -1.56
N ASP A 64 10.12 12.72 -1.38
CA ASP A 64 10.71 12.08 -0.20
C ASP A 64 10.27 12.82 1.05
N LEU A 65 10.27 14.15 0.98
CA LEU A 65 9.88 14.99 2.10
C LEU A 65 8.39 14.82 2.44
N ALA A 66 7.54 15.01 1.43
CA ALA A 66 6.09 14.88 1.63
C ALA A 66 5.70 13.49 2.17
N PHE A 67 6.24 12.43 1.56
CA PHE A 67 5.93 11.06 1.97
C PHE A 67 6.34 10.76 3.41
N ASN A 68 7.60 11.03 3.73
CA ASN A 68 8.13 10.79 5.06
C ASN A 68 7.58 11.71 6.14
N LEU A 69 7.47 13.00 5.84
CA LEU A 69 6.94 13.94 6.82
C LEU A 69 5.48 13.63 7.10
N ALA A 70 4.74 13.24 6.06
CA ALA A 70 3.33 12.88 6.21
C ALA A 70 3.19 11.61 7.04
N GLY A 71 4.13 10.69 6.89
CA GLY A 71 4.10 9.46 7.66
C GLY A 71 4.31 9.78 9.13
N HIS A 72 5.26 10.67 9.38
CA HIS A 72 5.60 11.10 10.72
C HIS A 72 4.38 11.77 11.37
N VAL A 73 3.75 12.68 10.63
CA VAL A 73 2.56 13.40 11.10
C VAL A 73 1.37 12.48 11.34
N ASN A 74 1.12 11.57 10.41
CA ASN A 74 -0.01 10.64 10.52
C ASN A 74 0.09 9.68 11.69
N HIS A 75 1.29 9.16 11.96
CA HIS A 75 1.47 8.24 13.07
C HIS A 75 1.49 8.94 14.43
N SER A 76 2.01 10.16 14.47
CA SER A 76 2.05 10.94 15.72
C SER A 76 0.65 11.16 16.27
N VAL A 77 -0.30 11.45 15.38
CA VAL A 77 -1.70 11.66 15.78
C VAL A 77 -2.34 10.31 16.13
N PHE A 78 -2.01 9.30 15.34
CA PHE A 78 -2.51 7.93 15.48
C PHE A 78 -2.28 7.35 16.88
N TRP A 79 -1.07 7.50 17.40
CA TRP A 79 -0.72 6.97 18.72
C TRP A 79 -1.58 7.62 19.81
N LYS A 80 -1.64 8.95 19.80
CA LYS A 80 -2.41 9.70 20.80
C LYS A 80 -3.92 9.53 20.68
N ASN A 81 -4.39 9.18 19.48
CA ASN A 81 -5.82 8.99 19.25
C ASN A 81 -6.33 7.72 19.93
N MET A 82 -5.40 6.90 20.43
CA MET A 82 -5.77 5.66 21.08
C MET A 82 -5.37 5.60 22.55
N ALA A 83 -6.15 4.82 23.31
CA ALA A 83 -5.93 4.63 24.75
C ALA A 83 -6.57 3.32 25.17
N PRO A 84 -6.04 2.66 26.21
CA PRO A 84 -6.59 1.39 26.70
C PRO A 84 -8.09 1.44 26.96
N LYS A 85 -8.76 0.33 26.67
CA LYS A 85 -10.21 0.20 26.87
C LYS A 85 -10.56 0.46 28.34
N GLY A 86 -11.47 1.40 28.55
CA GLY A 86 -11.87 1.75 29.91
C GLY A 86 -11.10 2.91 30.50
N SER A 87 -10.14 3.44 29.75
CA SER A 87 -9.32 4.56 30.22
C SER A 87 -9.75 5.88 29.58
N ALA A 88 -10.78 5.83 28.74
CA ALA A 88 -11.29 7.02 28.05
C ALA A 88 -12.79 6.88 27.78
N PRO A 89 -13.47 8.00 27.46
CA PRO A 89 -14.90 7.96 27.19
C PRO A 89 -15.23 7.04 26.02
N GLU A 90 -16.33 6.31 26.14
CA GLU A 90 -16.74 5.39 25.09
C GLU A 90 -17.57 6.11 24.03
N ARG A 91 -17.78 7.41 24.24
CA ARG A 91 -18.58 8.21 23.31
C ARG A 91 -18.16 9.69 23.40
N PRO A 92 -18.19 10.41 22.27
CA PRO A 92 -17.82 11.83 22.24
C PRO A 92 -18.83 12.61 23.08
N THR A 93 -18.38 13.63 23.79
CA THR A 93 -19.27 14.42 24.62
C THR A 93 -18.96 15.91 24.54
N ASP A 94 -19.89 16.72 25.02
CA ASP A 94 -19.75 18.18 25.06
C ASP A 94 -19.64 18.84 23.69
N GLU A 95 -18.63 19.70 23.52
CA GLU A 95 -18.41 20.43 22.26
C GLU A 95 -18.19 19.53 21.05
N LEU A 96 -17.32 18.54 21.19
CA LEU A 96 -17.02 17.62 20.10
C LEU A 96 -18.27 16.81 19.73
N GLY A 97 -18.98 16.33 20.74
CA GLY A 97 -20.19 15.54 20.51
C GLY A 97 -21.27 16.31 19.77
N ALA A 98 -21.41 17.59 20.09
CA ALA A 98 -22.41 18.44 19.46
C ALA A 98 -22.04 18.74 18.02
N ALA A 99 -20.75 18.94 17.77
CA ALA A 99 -20.23 19.23 16.44
C ALA A 99 -20.44 18.06 15.48
N ILE A 100 -20.22 16.85 15.98
CA ILE A 100 -20.40 15.65 15.17
C ILE A 100 -21.86 15.49 14.76
N ASP A 101 -22.78 15.81 15.66
CA ASP A 101 -24.21 15.73 15.37
C ASP A 101 -24.60 16.77 14.33
N GLU A 102 -23.94 17.92 14.38
CA GLU A 102 -24.21 19.01 13.45
C GLU A 102 -23.72 18.73 12.04
N PHE A 103 -22.55 18.10 11.92
CA PHE A 103 -21.97 17.82 10.61
C PHE A 103 -22.20 16.43 10.04
N PHE A 104 -22.79 15.53 10.84
CA PHE A 104 -23.04 14.17 10.39
C PHE A 104 -24.45 13.66 10.74
N GLY A 105 -25.19 14.46 11.52
CA GLY A 105 -26.53 14.05 11.91
C GLY A 105 -26.53 13.30 13.24
N SER A 106 -25.58 12.39 13.39
CA SER A 106 -25.46 11.59 14.61
C SER A 106 -24.08 10.95 14.69
N PHE A 107 -23.79 10.32 15.82
CA PHE A 107 -22.51 9.64 16.03
C PHE A 107 -22.46 8.37 15.16
N ASP A 108 -23.61 7.71 15.02
CA ASP A 108 -23.73 6.49 14.22
C ASP A 108 -23.47 6.76 12.74
N ASN A 109 -23.97 7.90 12.26
CA ASN A 109 -23.77 8.29 10.85
C ASN A 109 -22.30 8.58 10.60
N MET A 110 -21.65 9.24 11.55
CA MET A 110 -20.23 9.57 11.45
C MET A 110 -19.42 8.29 11.38
N LYS A 111 -19.74 7.35 12.27
CA LYS A 111 -19.04 6.06 12.33
C LYS A 111 -19.21 5.26 11.05
N ALA A 112 -20.43 5.26 10.52
CA ALA A 112 -20.73 4.53 9.29
C ALA A 112 -19.92 5.09 8.11
N GLN A 113 -19.92 6.40 7.98
CA GLN A 113 -19.20 7.07 6.90
C GLN A 113 -17.69 6.88 7.03
N PHE A 114 -17.20 6.95 8.27
CA PHE A 114 -15.76 6.79 8.53
C PHE A 114 -15.34 5.36 8.23
N THR A 115 -16.18 4.38 8.61
CA THR A 115 -15.89 2.97 8.37
C THR A 115 -15.87 2.66 6.87
N ALA A 116 -16.83 3.21 6.14
CA ALA A 116 -16.94 2.99 4.70
C ALA A 116 -15.70 3.51 3.98
N ALA A 117 -15.20 4.67 4.44
CA ALA A 117 -14.02 5.28 3.87
C ALA A 117 -12.76 4.48 4.19
N ALA A 118 -12.75 3.82 5.34
CA ALA A 118 -11.61 3.03 5.79
C ALA A 118 -11.45 1.71 5.03
N THR A 119 -12.53 0.96 4.92
CA THR A 119 -12.54 -0.34 4.26
C THR A 119 -12.52 -0.32 2.72
N GLY A 120 -12.87 0.82 2.12
CA GLY A 120 -12.89 0.89 0.66
C GLY A 120 -11.64 1.38 -0.05
N ILE A 121 -10.56 1.59 0.69
CA ILE A 121 -9.32 2.07 0.08
C ILE A 121 -8.66 1.08 -0.87
N GLN A 122 -8.36 1.55 -2.08
CA GLN A 122 -7.71 0.73 -3.10
C GLN A 122 -6.22 1.02 -3.05
N GLY A 123 -5.54 0.29 -2.17
CA GLY A 123 -4.11 0.45 -1.97
C GLY A 123 -3.90 0.86 -0.52
N SER A 124 -2.73 1.43 -0.21
CA SER A 124 -2.43 1.87 1.15
C SER A 124 -3.11 3.21 1.42
N GLY A 125 -3.36 3.53 2.69
CA GLY A 125 -3.99 4.80 3.01
C GLY A 125 -4.52 4.96 4.42
N TRP A 126 -5.29 6.03 4.63
CA TRP A 126 -5.87 6.35 5.94
C TRP A 126 -7.30 6.84 5.85
N ALA A 127 -8.02 6.67 6.95
CA ALA A 127 -9.39 7.16 7.06
C ALA A 127 -9.16 8.30 8.05
N SER A 128 -9.58 9.51 7.68
CA SER A 128 -9.36 10.65 8.55
C SER A 128 -10.57 11.54 8.79
N LEU A 129 -10.57 12.14 9.98
CA LEU A 129 -11.63 13.05 10.41
C LEU A 129 -10.83 14.33 10.63
N VAL A 130 -11.06 15.35 9.80
CA VAL A 130 -10.31 16.59 9.92
C VAL A 130 -11.17 17.82 10.12
N TRP A 131 -10.52 18.90 10.57
CA TRP A 131 -11.19 20.17 10.75
C TRP A 131 -10.88 20.98 9.49
N ASP A 132 -11.92 21.48 8.85
CA ASP A 132 -11.82 22.29 7.64
C ASP A 132 -11.93 23.77 8.06
N PRO A 133 -10.80 24.50 8.08
CA PRO A 133 -10.73 25.92 8.46
C PRO A 133 -11.45 26.86 7.50
N LEU A 134 -11.60 26.46 6.25
CA LEU A 134 -12.26 27.30 5.26
C LEU A 134 -13.77 27.17 5.39
N GLY A 135 -14.27 25.95 5.38
CA GLY A 135 -15.71 25.73 5.50
C GLY A 135 -16.21 25.68 6.94
N LYS A 136 -15.29 25.76 7.91
CA LYS A 136 -15.62 25.73 9.34
C LYS A 136 -16.50 24.52 9.65
N ARG A 137 -16.03 23.34 9.24
CA ARG A 137 -16.77 22.11 9.45
C ARG A 137 -15.85 20.89 9.60
N ILE A 138 -16.43 19.78 10.07
CA ILE A 138 -15.68 18.55 10.23
C ILE A 138 -16.02 17.65 9.04
N ASN A 139 -14.98 17.15 8.37
CA ASN A 139 -15.15 16.28 7.21
C ASN A 139 -14.34 15.00 7.34
N THR A 140 -14.70 14.00 6.54
CA THR A 140 -13.97 12.75 6.52
C THR A 140 -13.22 12.73 5.19
N LEU A 141 -11.94 12.39 5.24
CA LEU A 141 -11.10 12.30 4.05
C LEU A 141 -10.50 10.91 3.98
N GLN A 142 -10.18 10.48 2.75
CA GLN A 142 -9.58 9.17 2.53
C GLN A 142 -8.20 9.37 1.92
N PHE A 143 -7.18 9.33 2.77
CA PHE A 143 -5.79 9.52 2.31
C PHE A 143 -5.29 8.30 1.53
N TYR A 144 -4.49 8.55 0.50
CA TYR A 144 -3.86 7.47 -0.28
C TYR A 144 -2.43 7.52 0.22
N ASP A 145 -1.86 6.36 0.51
CA ASP A 145 -0.50 6.27 1.06
C ASP A 145 -0.49 7.11 2.34
N HIS A 146 0.34 8.16 2.38
CA HIS A 146 0.42 9.04 3.54
C HIS A 146 0.15 10.50 3.17
N GLN A 147 0.49 10.85 1.94
CA GLN A 147 0.42 12.22 1.46
C GLN A 147 -0.49 12.55 0.28
N ASN A 148 -1.47 11.70 -0.02
CA ASN A 148 -2.36 11.96 -1.15
C ASN A 148 -3.84 12.01 -0.85
N ASN A 149 -4.56 12.77 -1.68
CA ASN A 149 -6.00 12.94 -1.60
C ASN A 149 -6.48 13.80 -0.43
N LEU A 150 -5.84 14.95 -0.24
CA LEU A 150 -6.21 15.86 0.85
C LEU A 150 -5.88 17.32 0.55
N PRO A 151 -6.75 18.24 0.99
CA PRO A 151 -6.56 19.69 0.80
C PRO A 151 -5.55 20.25 1.80
N ALA A 152 -4.82 21.29 1.39
CA ALA A 152 -3.85 21.92 2.28
C ALA A 152 -4.60 22.65 3.39
N GLY A 153 -4.01 22.68 4.59
CA GLY A 153 -4.65 23.34 5.71
C GLY A 153 -5.56 22.45 6.53
N SER A 154 -5.66 21.18 6.12
CA SER A 154 -6.49 20.21 6.84
C SER A 154 -5.84 19.85 8.17
N ILE A 155 -6.60 19.96 9.25
CA ILE A 155 -6.09 19.64 10.59
C ILE A 155 -6.69 18.32 11.06
N PRO A 156 -5.85 17.27 11.19
CA PRO A 156 -6.26 15.94 11.62
C PRO A 156 -6.77 15.87 13.06
N LEU A 157 -7.95 15.29 13.22
CA LEU A 157 -8.57 15.15 14.53
C LEU A 157 -8.50 13.69 14.98
N LEU A 158 -8.90 12.79 14.08
CA LEU A 158 -8.89 11.36 14.36
C LEU A 158 -8.44 10.62 13.11
N GLN A 159 -7.42 9.77 13.25
CA GLN A 159 -6.89 9.02 12.11
C GLN A 159 -6.80 7.52 12.36
N LEU A 160 -6.96 6.75 11.29
CA LEU A 160 -6.89 5.29 11.33
C LEU A 160 -5.98 4.79 10.20
N ASP A 161 -4.90 4.11 10.58
CA ASP A 161 -3.94 3.59 9.62
C ASP A 161 -4.50 2.36 8.91
N MET A 162 -4.72 2.48 7.60
CA MET A 162 -5.25 1.36 6.84
C MET A 162 -4.20 0.63 6.01
N TRP A 163 -2.93 0.91 6.27
CA TRP A 163 -1.85 0.20 5.57
C TRP A 163 -1.89 -1.22 6.12
N GLU A 164 -1.51 -2.20 5.30
CA GLU A 164 -1.55 -3.60 5.71
C GLU A 164 -0.72 -3.99 6.93
N HIS A 165 0.39 -3.29 7.17
CA HIS A 165 1.24 -3.58 8.32
C HIS A 165 0.55 -3.27 9.65
N ALA A 166 -0.49 -2.44 9.59
CA ALA A 166 -1.24 -2.05 10.77
C ALA A 166 -2.23 -3.10 11.29
N PHE A 167 -2.51 -4.13 10.50
CA PHE A 167 -3.47 -5.15 10.92
C PHE A 167 -3.27 -6.58 10.42
N TYR A 168 -2.42 -6.76 9.42
CA TYR A 168 -2.22 -8.09 8.85
C TYR A 168 -1.86 -9.26 9.77
N LEU A 169 -0.92 -9.05 10.68
CA LEU A 169 -0.48 -10.10 11.61
C LEU A 169 -1.59 -10.62 12.53
N GLN A 170 -2.61 -9.81 12.77
CA GLN A 170 -3.69 -10.19 13.66
C GLN A 170 -5.03 -10.49 12.96
N TYR A 171 -5.41 -9.64 12.02
CA TYR A 171 -6.68 -9.80 11.31
C TYR A 171 -6.60 -10.33 9.89
N LYS A 172 -5.38 -10.46 9.35
CA LYS A 172 -5.17 -10.94 7.99
C LYS A 172 -5.83 -10.01 6.96
N ASN A 173 -6.66 -10.56 6.07
CA ASN A 173 -7.32 -9.77 5.04
C ASN A 173 -8.66 -9.15 5.47
N VAL A 174 -9.15 -9.54 6.65
CA VAL A 174 -10.42 -9.02 7.14
C VAL A 174 -10.28 -7.62 7.72
N LYS A 175 -10.41 -6.61 6.84
CA LYS A 175 -10.31 -5.20 7.23
C LYS A 175 -11.45 -4.78 8.15
N GLY A 176 -12.62 -5.36 7.93
CA GLY A 176 -13.79 -5.05 8.74
C GLY A 176 -13.62 -5.33 10.22
N ASP A 177 -13.02 -6.46 10.56
CA ASP A 177 -12.79 -6.83 11.95
C ASP A 177 -11.82 -5.86 12.63
N TYR A 178 -10.80 -5.44 11.91
CA TYR A 178 -9.80 -4.50 12.42
C TYR A 178 -10.42 -3.15 12.81
N VAL A 179 -11.20 -2.58 11.91
CA VAL A 179 -11.85 -1.29 12.16
C VAL A 179 -12.88 -1.37 13.29
N LYS A 180 -13.56 -2.51 13.40
CA LYS A 180 -14.57 -2.69 14.43
C LYS A 180 -13.91 -2.75 15.82
N SER A 181 -12.74 -3.38 15.90
CA SER A 181 -11.99 -3.51 17.14
C SER A 181 -11.37 -2.17 17.54
N TRP A 182 -10.92 -1.42 16.54
CA TRP A 182 -10.27 -0.13 16.74
C TRP A 182 -11.16 0.92 17.41
N TRP A 183 -12.46 0.88 17.15
CA TRP A 183 -13.39 1.84 17.75
C TRP A 183 -13.40 1.75 19.27
N ASN A 184 -13.05 0.58 19.81
CA ASN A 184 -13.03 0.37 21.26
C ASN A 184 -11.86 1.07 21.96
N VAL A 185 -10.78 1.32 21.23
CA VAL A 185 -9.61 1.97 21.81
C VAL A 185 -9.42 3.45 21.46
N VAL A 186 -10.46 4.08 20.91
CA VAL A 186 -10.38 5.50 20.54
C VAL A 186 -10.48 6.39 21.79
N ASN A 187 -9.47 7.25 21.96
CA ASN A 187 -9.41 8.19 23.08
C ASN A 187 -10.11 9.47 22.65
N TRP A 188 -11.42 9.54 22.92
CA TRP A 188 -12.20 10.71 22.55
C TRP A 188 -11.77 11.99 23.27
N ASP A 189 -11.04 11.82 24.38
CA ASP A 189 -10.52 12.97 25.13
C ASP A 189 -9.47 13.69 24.29
N ASP A 190 -8.62 12.91 23.64
CA ASP A 190 -7.55 13.45 22.80
C ASP A 190 -8.13 14.13 21.56
N VAL A 191 -9.16 13.51 20.98
CA VAL A 191 -9.81 14.06 19.80
C VAL A 191 -10.45 15.40 20.14
N ALA A 192 -11.11 15.47 21.29
CA ALA A 192 -11.75 16.70 21.76
C ALA A 192 -10.73 17.82 21.96
N LEU A 193 -9.55 17.45 22.44
CA LEU A 193 -8.47 18.41 22.67
C LEU A 193 -7.97 18.97 21.34
N ARG A 194 -7.79 18.10 20.36
CA ARG A 194 -7.31 18.50 19.03
C ARG A 194 -8.34 19.35 18.31
N PHE A 195 -9.62 19.10 18.59
CA PHE A 195 -10.71 19.85 17.99
C PHE A 195 -10.71 21.30 18.48
N SER A 196 -10.46 21.47 19.78
CA SER A 196 -10.43 22.79 20.39
C SER A 196 -9.19 23.56 19.97
N GLU A 197 -8.05 22.89 19.93
CA GLU A 197 -6.79 23.53 19.53
C GLU A 197 -6.71 23.83 18.04
N ALA A 198 -7.56 23.16 17.24
CA ALA A 198 -7.58 23.37 15.80
C ALA A 198 -8.12 24.74 15.45
N ARG A 199 -8.87 25.35 16.38
CA ARG A 199 -9.45 26.67 16.15
C ARG A 199 -9.44 27.60 17.36
N VAL A 200 -8.72 27.19 18.41
CA VAL A 200 -8.61 27.94 19.66
C VAL A 200 -9.96 28.40 20.17
N ALA A 201 -10.73 27.45 20.71
CA ALA A 201 -12.06 27.71 21.25
C ALA A 201 -12.98 28.41 20.24
N ALA B 1 -17.64 -13.82 -14.78
CA ALA B 1 -18.25 -13.69 -16.13
C ALA B 1 -17.17 -13.68 -17.21
N VAL B 2 -16.54 -12.52 -17.42
CA VAL B 2 -15.49 -12.37 -18.41
C VAL B 2 -14.17 -12.92 -17.88
N TYR B 3 -13.82 -12.51 -16.66
CA TYR B 3 -12.57 -12.95 -16.04
C TYR B 3 -12.80 -14.11 -15.06
N THR B 4 -11.82 -15.00 -14.99
CA THR B 4 -11.87 -16.16 -14.10
C THR B 4 -10.57 -16.28 -13.33
N LEU B 5 -10.66 -16.85 -12.14
CA LEU B 5 -9.50 -17.03 -11.27
C LEU B 5 -8.71 -18.28 -11.66
N PRO B 6 -7.47 -18.11 -12.14
CA PRO B 6 -6.62 -19.24 -12.53
C PRO B 6 -6.11 -19.98 -11.30
N GLU B 7 -5.94 -21.29 -11.43
CA GLU B 7 -5.43 -22.08 -10.30
C GLU B 7 -3.91 -22.09 -10.33
N LEU B 8 -3.31 -22.34 -9.16
CA LEU B 8 -1.85 -22.40 -9.05
C LEU B 8 -1.30 -23.63 -9.75
N PRO B 9 -0.16 -23.47 -10.46
CA PRO B 9 0.48 -24.59 -11.16
C PRO B 9 1.21 -25.54 -10.21
N TYR B 10 1.13 -25.24 -8.91
CA TYR B 10 1.76 -26.05 -7.86
C TYR B 10 0.95 -25.94 -6.56
N ASP B 11 1.36 -26.72 -5.56
CA ASP B 11 0.69 -26.72 -4.25
C ASP B 11 1.09 -25.48 -3.46
N TYR B 12 0.20 -25.00 -2.61
CA TYR B 12 0.43 -23.81 -1.79
C TYR B 12 1.76 -23.81 -1.03
N SER B 13 2.18 -24.98 -0.58
CA SER B 13 3.42 -25.11 0.18
C SER B 13 4.65 -25.54 -0.62
N ALA B 14 4.52 -25.57 -1.95
CA ALA B 14 5.62 -25.99 -2.83
C ALA B 14 6.80 -25.02 -2.90
N LEU B 15 6.59 -23.78 -2.49
CA LEU B 15 7.64 -22.77 -2.53
C LEU B 15 8.36 -22.55 -1.19
N GLU B 16 8.04 -23.37 -0.20
CA GLU B 16 8.67 -23.26 1.12
C GLU B 16 10.12 -23.73 1.06
N PRO B 17 10.99 -23.20 1.94
CA PRO B 17 10.75 -22.20 2.98
C PRO B 17 10.85 -20.74 2.54
N TYR B 18 11.04 -20.51 1.24
CA TYR B 18 11.17 -19.16 0.70
C TYR B 18 9.91 -18.33 0.85
N ILE B 19 8.77 -18.93 0.56
CA ILE B 19 7.47 -18.29 0.70
C ILE B 19 6.58 -19.36 1.32
N SER B 20 6.00 -19.06 2.47
CA SER B 20 5.16 -20.01 3.19
C SER B 20 3.80 -20.28 2.54
N GLY B 21 3.26 -21.46 2.83
CA GLY B 21 1.98 -21.86 2.29
C GLY B 21 0.84 -21.02 2.84
N GLU B 22 1.04 -20.46 4.02
CA GLU B 22 0.03 -19.60 4.66
C GLU B 22 -0.21 -18.35 3.80
N ILE B 23 0.88 -17.74 3.34
CA ILE B 23 0.80 -16.55 2.51
C ILE B 23 0.18 -16.90 1.16
N MET B 24 0.68 -17.96 0.54
CA MET B 24 0.20 -18.40 -0.77
C MET B 24 -1.31 -18.65 -0.78
N GLU B 25 -1.82 -19.31 0.26
CA GLU B 25 -3.24 -19.65 0.34
C GLU B 25 -4.08 -18.38 0.50
N LEU B 26 -3.70 -17.46 1.36
CA LEU B 26 -4.43 -16.21 1.56
C LEU B 26 -4.32 -15.32 0.31
N HIS B 27 -3.12 -15.25 -0.24
CA HIS B 27 -2.84 -14.44 -1.42
C HIS B 27 -3.69 -14.84 -2.62
N HIS B 28 -3.81 -16.14 -2.84
CA HIS B 28 -4.58 -16.69 -3.95
C HIS B 28 -6.08 -16.71 -3.66
N ASP B 29 -6.49 -17.45 -2.63
CA ASP B 29 -7.91 -17.57 -2.27
C ASP B 29 -8.64 -16.29 -1.88
N LYS B 30 -7.94 -15.37 -1.22
CA LYS B 30 -8.57 -14.14 -0.77
C LYS B 30 -8.30 -12.93 -1.67
N HIS B 31 -7.02 -12.61 -1.84
CA HIS B 31 -6.62 -11.46 -2.63
C HIS B 31 -6.91 -11.51 -4.13
N HIS B 32 -6.35 -12.48 -4.84
CA HIS B 32 -6.54 -12.59 -6.28
C HIS B 32 -8.02 -12.75 -6.65
N LYS B 33 -8.73 -13.55 -5.86
CA LYS B 33 -10.16 -13.78 -6.08
C LYS B 33 -10.94 -12.46 -6.06
N ALA B 34 -10.52 -11.55 -5.18
CA ALA B 34 -11.17 -10.25 -5.05
C ALA B 34 -11.05 -9.40 -6.31
N TYR B 35 -9.88 -9.47 -6.96
CA TYR B 35 -9.63 -8.70 -8.18
C TYR B 35 -10.47 -9.21 -9.34
N VAL B 36 -10.69 -10.52 -9.40
CA VAL B 36 -11.48 -11.12 -10.47
C VAL B 36 -12.93 -10.67 -10.34
N ASP B 37 -13.46 -10.73 -9.11
CA ASP B 37 -14.84 -10.32 -8.84
C ASP B 37 -15.01 -8.82 -9.09
N GLY B 38 -13.98 -8.05 -8.75
CA GLY B 38 -14.03 -6.61 -8.94
C GLY B 38 -14.00 -6.18 -10.40
N ALA B 39 -13.19 -6.88 -11.19
CA ALA B 39 -13.06 -6.59 -12.62
C ALA B 39 -14.36 -6.88 -13.37
N ASN B 40 -15.02 -7.97 -13.01
CA ASN B 40 -16.28 -8.34 -13.64
C ASN B 40 -17.40 -7.38 -13.25
N THR B 41 -17.42 -6.99 -11.97
CA THR B 41 -18.43 -6.07 -11.47
C THR B 41 -18.29 -4.69 -12.11
N ALA B 42 -17.05 -4.31 -12.41
CA ALA B 42 -16.78 -3.03 -13.06
C ALA B 42 -17.36 -3.03 -14.47
N LEU B 43 -17.23 -4.16 -15.17
CA LEU B 43 -17.76 -4.29 -16.52
C LEU B 43 -19.28 -4.26 -16.52
N ASP B 44 -19.89 -4.93 -15.53
CA ASP B 44 -21.35 -4.96 -15.40
C ASP B 44 -21.87 -3.55 -15.17
N LYS B 45 -21.15 -2.80 -14.34
CA LYS B 45 -21.50 -1.42 -14.02
C LYS B 45 -21.40 -0.52 -15.24
N LEU B 46 -20.36 -0.72 -16.04
CA LEU B 46 -20.16 0.06 -17.26
C LEU B 46 -21.23 -0.27 -18.28
N ALA B 47 -21.64 -1.53 -18.32
CA ALA B 47 -22.68 -1.99 -19.25
C ALA B 47 -24.02 -1.38 -18.85
N GLU B 48 -24.28 -1.36 -17.54
CA GLU B 48 -25.51 -0.80 -17.00
C GLU B 48 -25.56 0.70 -17.25
N ALA B 49 -24.39 1.33 -17.21
CA ALA B 49 -24.27 2.78 -17.43
C ALA B 49 -24.67 3.10 -18.87
N ARG B 50 -24.29 2.24 -19.80
CA ARG B 50 -24.62 2.43 -21.22
C ARG B 50 -26.11 2.23 -21.47
N ASP B 51 -26.68 1.19 -20.89
CA ASP B 51 -28.09 0.87 -21.06
C ASP B 51 -29.01 2.03 -20.66
N LYS B 52 -28.71 2.65 -19.53
CA LYS B 52 -29.53 3.75 -19.03
C LYS B 52 -29.01 5.12 -19.42
N ALA B 53 -27.94 5.15 -20.20
CA ALA B 53 -27.32 6.40 -20.65
C ALA B 53 -26.99 7.34 -19.50
N ASP B 54 -26.44 6.76 -18.44
CA ASP B 54 -26.06 7.52 -17.25
C ASP B 54 -24.60 7.20 -16.93
N PHE B 55 -23.71 8.13 -17.27
CA PHE B 55 -22.29 7.96 -17.05
C PHE B 55 -21.77 8.85 -15.92
N GLY B 56 -22.63 9.16 -14.96
CA GLY B 56 -22.25 10.01 -13.84
C GLY B 56 -21.13 9.47 -12.97
N ALA B 57 -20.97 8.15 -12.92
CA ALA B 57 -19.93 7.52 -12.12
C ALA B 57 -18.78 6.98 -12.97
N ILE B 58 -18.59 7.55 -14.15
CA ILE B 58 -17.55 7.09 -15.07
C ILE B 58 -16.13 7.11 -14.48
N ASN B 59 -15.81 8.13 -13.70
CA ASN B 59 -14.48 8.23 -13.07
C ASN B 59 -14.22 7.08 -12.10
N LYS B 60 -15.26 6.72 -11.34
CA LYS B 60 -15.15 5.64 -10.37
C LYS B 60 -15.01 4.29 -11.06
N LEU B 61 -15.87 4.04 -12.04
CA LEU B 61 -15.87 2.78 -12.78
C LEU B 61 -14.60 2.53 -13.58
N GLU B 62 -13.98 3.60 -14.08
CA GLU B 62 -12.75 3.47 -14.83
C GLU B 62 -11.57 3.14 -13.93
N LYS B 63 -11.62 3.62 -12.69
CA LYS B 63 -10.56 3.33 -11.73
C LYS B 63 -10.77 1.94 -11.16
N ASP B 64 -12.03 1.56 -10.94
CA ASP B 64 -12.35 0.23 -10.41
C ASP B 64 -11.89 -0.82 -11.40
N LEU B 65 -12.13 -0.57 -12.69
CA LEU B 65 -11.75 -1.49 -13.75
C LEU B 65 -10.22 -1.60 -13.84
N ALA B 66 -9.55 -0.45 -13.86
CA ALA B 66 -8.10 -0.40 -13.94
C ALA B 66 -7.41 -1.03 -12.74
N PHE B 67 -7.91 -0.75 -11.54
CA PHE B 67 -7.32 -1.28 -10.31
C PHE B 67 -7.46 -2.81 -10.23
N ASN B 68 -8.69 -3.30 -10.38
CA ASN B 68 -8.95 -4.73 -10.30
C ASN B 68 -8.41 -5.56 -11.46
N LEU B 69 -8.48 -5.02 -12.68
CA LEU B 69 -7.96 -5.74 -13.83
C LEU B 69 -6.44 -5.80 -13.78
N ALA B 70 -5.81 -4.71 -13.34
CA ALA B 70 -4.35 -4.68 -13.23
C ALA B 70 -3.92 -5.66 -12.13
N GLY B 71 -4.75 -5.78 -11.10
CA GLY B 71 -4.45 -6.69 -10.00
C GLY B 71 -4.53 -8.13 -10.49
N HIS B 72 -5.52 -8.40 -11.33
CA HIS B 72 -5.73 -9.72 -11.90
C HIS B 72 -4.56 -10.10 -12.81
N VAL B 73 -4.16 -9.18 -13.68
CA VAL B 73 -3.05 -9.39 -14.60
C VAL B 73 -1.72 -9.61 -13.88
N ASN B 74 -1.41 -8.73 -12.93
CA ASN B 74 -0.17 -8.79 -12.17
C ASN B 74 0.03 -10.10 -11.41
N HIS B 75 -1.03 -10.59 -10.77
CA HIS B 75 -0.95 -11.83 -10.02
C HIS B 75 -0.94 -13.07 -10.91
N SER B 76 -1.61 -13.01 -12.06
CA SER B 76 -1.63 -14.15 -12.98
C SER B 76 -0.23 -14.42 -13.50
N VAL B 77 0.53 -13.35 -13.71
CA VAL B 77 1.91 -13.44 -14.19
C VAL B 77 2.80 -13.88 -13.03
N PHE B 78 2.53 -13.34 -11.84
CA PHE B 78 3.29 -13.64 -10.62
C PHE B 78 3.35 -15.14 -10.28
N TRP B 79 2.20 -15.82 -10.36
CA TRP B 79 2.13 -17.25 -10.05
C TRP B 79 3.02 -18.08 -10.96
N LYS B 80 2.96 -17.82 -12.26
CA LYS B 80 3.74 -18.57 -13.25
C LYS B 80 5.21 -18.19 -13.26
N ASN B 81 5.52 -17.01 -12.73
CA ASN B 81 6.91 -16.55 -12.66
C ASN B 81 7.66 -17.31 -11.58
N MET B 82 6.95 -18.17 -10.85
CA MET B 82 7.56 -18.95 -9.78
C MET B 82 7.37 -20.46 -9.95
N ALA B 83 8.30 -21.22 -9.38
CA ALA B 83 8.29 -22.69 -9.43
C ALA B 83 9.22 -23.19 -8.32
N PRO B 84 8.93 -24.39 -7.77
CA PRO B 84 9.76 -24.98 -6.71
C PRO B 84 11.22 -24.96 -7.09
N LYS B 85 12.10 -24.71 -6.13
CA LYS B 85 13.54 -24.66 -6.41
C LYS B 85 14.02 -25.96 -7.05
N GLY B 86 14.84 -25.82 -8.09
CA GLY B 86 15.35 -26.99 -8.80
C GLY B 86 14.52 -27.34 -10.02
N SER B 87 13.29 -26.84 -10.06
CA SER B 87 12.37 -27.11 -11.16
C SER B 87 12.72 -26.32 -12.43
N ALA B 88 13.39 -25.19 -12.23
CA ALA B 88 13.79 -24.34 -13.34
C ALA B 88 15.27 -23.99 -13.17
N PRO B 89 15.90 -23.49 -14.24
CA PRO B 89 17.33 -23.13 -14.18
C PRO B 89 17.57 -22.01 -13.16
N GLU B 90 18.77 -21.97 -12.61
CA GLU B 90 19.13 -20.94 -11.63
C GLU B 90 19.25 -19.57 -12.29
N ARG B 91 19.74 -19.57 -13.53
CA ARG B 91 19.92 -18.32 -14.29
C ARG B 91 19.35 -18.47 -15.71
N PRO B 92 18.99 -17.34 -16.35
CA PRO B 92 18.43 -17.32 -17.71
C PRO B 92 19.47 -17.80 -18.71
N THR B 93 19.00 -18.38 -19.82
CA THR B 93 19.89 -18.87 -20.85
C THR B 93 19.31 -18.69 -22.25
N ASP B 94 20.13 -18.97 -23.26
CA ASP B 94 19.73 -18.87 -24.67
C ASP B 94 19.29 -17.46 -25.05
N GLU B 95 18.12 -17.33 -25.67
CA GLU B 95 17.58 -16.04 -26.11
C GLU B 95 17.50 -15.00 -24.98
N LEU B 96 16.82 -15.36 -23.89
CA LEU B 96 16.65 -14.47 -22.75
C LEU B 96 17.97 -14.05 -22.09
N GLY B 97 18.85 -15.03 -21.87
CA GLY B 97 20.13 -14.74 -21.25
C GLY B 97 20.94 -13.74 -22.05
N ALA B 98 20.91 -13.89 -23.38
CA ALA B 98 21.64 -12.99 -24.28
C ALA B 98 21.07 -11.57 -24.24
N ALA B 99 19.74 -11.48 -24.26
CA ALA B 99 19.05 -10.19 -24.24
C ALA B 99 19.34 -9.42 -22.96
N ILE B 100 19.33 -10.14 -21.84
CA ILE B 100 19.59 -9.53 -20.53
C ILE B 100 21.02 -8.95 -20.47
N ASP B 101 21.98 -9.68 -21.02
CA ASP B 101 23.37 -9.21 -21.05
C ASP B 101 23.52 -7.97 -21.93
N GLU B 102 22.67 -7.90 -22.95
CA GLU B 102 22.70 -6.79 -23.89
C GLU B 102 22.12 -5.50 -23.30
N PHE B 103 20.96 -5.61 -22.67
CA PHE B 103 20.29 -4.45 -22.09
C PHE B 103 20.66 -4.07 -20.67
N PHE B 104 21.35 -4.95 -19.95
CA PHE B 104 21.75 -4.68 -18.57
C PHE B 104 23.25 -4.84 -18.31
N GLY B 105 23.94 -5.52 -19.23
CA GLY B 105 25.38 -5.72 -19.07
C GLY B 105 25.70 -7.13 -18.58
N SER B 106 24.95 -7.58 -17.58
CA SER B 106 25.12 -8.91 -17.02
C SER B 106 23.85 -9.28 -16.24
N PHE B 107 23.76 -10.56 -15.87
CA PHE B 107 22.61 -11.05 -15.12
C PHE B 107 22.58 -10.40 -13.74
N ASP B 108 23.74 -10.27 -13.12
CA ASP B 108 23.86 -9.66 -11.80
C ASP B 108 23.47 -8.19 -11.77
N ASN B 109 23.78 -7.45 -12.84
CA ASN B 109 23.44 -6.03 -12.93
C ASN B 109 21.93 -5.86 -13.03
N MET B 110 21.27 -6.77 -13.75
CA MET B 110 19.82 -6.73 -13.90
C MET B 110 19.19 -7.07 -12.55
N LYS B 111 19.82 -8.00 -11.84
CA LYS B 111 19.34 -8.43 -10.53
C LYS B 111 19.44 -7.28 -9.52
N ALA B 112 20.55 -6.56 -9.58
CA ALA B 112 20.79 -5.43 -8.69
C ALA B 112 19.81 -4.29 -8.93
N GLN B 113 19.53 -4.00 -10.19
CA GLN B 113 18.60 -2.93 -10.57
C GLN B 113 17.17 -3.29 -10.20
N PHE B 114 16.81 -4.56 -10.41
CA PHE B 114 15.48 -5.06 -10.11
C PHE B 114 15.24 -5.01 -8.60
N THR B 115 16.26 -5.41 -7.85
CA THR B 115 16.20 -5.43 -6.39
C THR B 115 16.04 -4.02 -5.82
N ALA B 116 16.81 -3.08 -6.35
CA ALA B 116 16.77 -1.69 -5.90
C ALA B 116 15.37 -1.10 -6.12
N ALA B 117 14.79 -1.43 -7.27
CA ALA B 117 13.47 -0.94 -7.63
C ALA B 117 12.39 -1.56 -6.74
N ALA B 118 12.59 -2.81 -6.36
CA ALA B 118 11.63 -3.52 -5.51
C ALA B 118 11.56 -3.00 -4.08
N THR B 119 12.72 -2.77 -3.47
CA THR B 119 12.80 -2.30 -2.09
C THR B 119 12.61 -0.80 -1.83
N GLY B 120 12.79 0.01 -2.86
CA GLY B 120 12.64 1.46 -2.69
C GLY B 120 11.25 2.04 -2.83
N ILE B 121 10.25 1.18 -3.07
CA ILE B 121 8.88 1.64 -3.26
C ILE B 121 8.27 2.32 -2.03
N GLN B 122 7.73 3.52 -2.24
CA GLN B 122 7.09 4.30 -1.19
C GLN B 122 5.58 4.03 -1.27
N GLY B 123 5.17 2.94 -0.63
CA GLY B 123 3.78 2.53 -0.63
C GLY B 123 3.68 1.17 -1.30
N SER B 124 2.48 0.76 -1.69
CA SER B 124 2.29 -0.53 -2.35
C SER B 124 2.79 -0.48 -3.79
N GLY B 125 3.21 -1.61 -4.33
CA GLY B 125 3.71 -1.62 -5.70
C GLY B 125 4.35 -2.91 -6.16
N TRP B 126 4.92 -2.87 -7.37
CA TRP B 126 5.57 -4.03 -7.96
C TRP B 126 6.87 -3.65 -8.65
N ALA B 127 7.78 -4.63 -8.73
CA ALA B 127 9.03 -4.46 -9.44
C ALA B 127 8.75 -5.30 -10.68
N SER B 128 9.05 -4.77 -11.87
CA SER B 128 8.75 -5.50 -13.09
C SER B 128 9.78 -5.42 -14.19
N LEU B 129 9.94 -6.52 -14.91
CA LEU B 129 10.86 -6.61 -16.03
C LEU B 129 9.89 -6.73 -17.22
N VAL B 130 9.87 -5.72 -18.08
CA VAL B 130 8.95 -5.72 -19.22
C VAL B 130 9.62 -5.54 -20.58
N TRP B 131 8.88 -5.90 -21.62
CA TRP B 131 9.36 -5.75 -22.99
C TRP B 131 8.74 -4.48 -23.55
N ASP B 132 9.61 -3.57 -23.98
CA ASP B 132 9.22 -2.29 -24.56
C ASP B 132 9.18 -2.52 -26.07
N PRO B 133 7.97 -2.63 -26.65
CA PRO B 133 7.78 -2.86 -28.09
C PRO B 133 8.15 -1.70 -29.00
N LEU B 134 8.24 -0.49 -28.44
CA LEU B 134 8.60 0.69 -29.22
C LEU B 134 10.12 0.80 -29.32
N GLY B 135 10.79 0.63 -28.18
CA GLY B 135 12.24 0.70 -28.16
C GLY B 135 12.87 -0.65 -28.43
N LYS B 136 12.03 -1.69 -28.40
CA LYS B 136 12.44 -3.08 -28.63
C LYS B 136 13.61 -3.47 -27.73
N ARG B 137 13.35 -3.38 -26.43
CA ARG B 137 14.33 -3.69 -25.40
C ARG B 137 13.64 -4.12 -24.11
N ILE B 138 14.42 -4.61 -23.15
CA ILE B 138 13.88 -5.03 -21.86
C ILE B 138 14.20 -3.95 -20.83
N ASN B 139 13.17 -3.41 -20.19
CA ASN B 139 13.36 -2.37 -19.17
C ASN B 139 12.81 -2.86 -17.83
N THR B 140 13.15 -2.13 -16.77
CA THR B 140 12.64 -2.45 -15.44
C THR B 140 11.75 -1.28 -15.05
N LEU B 141 10.56 -1.58 -14.51
CA LEU B 141 9.61 -0.56 -14.09
C LEU B 141 9.21 -0.79 -12.64
N GLN B 142 8.74 0.28 -12.00
CA GLN B 142 8.32 0.25 -10.61
C GLN B 142 6.86 0.69 -10.56
N PHE B 143 5.94 -0.28 -10.52
CA PHE B 143 4.51 0.03 -10.49
C PHE B 143 4.06 0.53 -9.12
N TYR B 144 3.15 1.49 -9.11
CA TYR B 144 2.60 2.02 -7.85
C TYR B 144 1.25 1.31 -7.74
N ASP B 145 1.01 0.68 -6.60
CA ASP B 145 -0.22 -0.08 -6.38
C ASP B 145 -0.22 -1.21 -7.41
N HIS B 146 -1.19 -1.20 -8.33
CA HIS B 146 -1.26 -2.23 -9.38
C HIS B 146 -1.28 -1.63 -10.76
N GLN B 147 -1.84 -0.42 -10.87
CA GLN B 147 -2.04 0.23 -12.15
C GLN B 147 -1.37 1.58 -12.42
N ASN B 148 -0.32 1.92 -11.69
CA ASN B 148 0.34 3.21 -11.91
C ASN B 148 1.82 3.12 -12.22
N ASN B 149 2.35 4.16 -12.86
CA ASN B 149 3.76 4.28 -13.21
C ASN B 149 4.27 3.32 -14.30
N LEU B 150 3.50 3.19 -15.37
CA LEU B 150 3.87 2.32 -16.49
C LEU B 150 3.28 2.79 -17.82
N PRO B 151 4.02 2.66 -18.92
CA PRO B 151 3.58 3.05 -20.26
C PRO B 151 2.58 2.03 -20.81
N ALA B 152 1.71 2.48 -21.70
CA ALA B 152 0.73 1.58 -22.31
C ALA B 152 1.46 0.70 -23.33
N GLY B 153 1.05 -0.57 -23.43
CA GLY B 153 1.68 -1.48 -24.35
C GLY B 153 2.83 -2.27 -23.74
N SER B 154 3.09 -2.07 -22.46
CA SER B 154 4.16 -2.79 -21.76
C SER B 154 3.75 -4.24 -21.55
N ILE B 155 4.63 -5.16 -21.92
CA ILE B 155 4.37 -6.60 -21.77
C ILE B 155 5.19 -7.16 -20.62
N PRO B 156 4.52 -7.58 -19.53
CA PRO B 156 5.19 -8.13 -18.35
C PRO B 156 5.91 -9.46 -18.59
N LEU B 157 7.18 -9.50 -18.22
CA LEU B 157 8.01 -10.70 -18.38
C LEU B 157 8.23 -11.36 -17.01
N LEU B 158 8.65 -10.57 -16.02
CA LEU B 158 8.90 -11.04 -14.67
C LEU B 158 8.45 -9.97 -13.67
N GLN B 159 7.60 -10.36 -12.71
CA GLN B 159 7.10 -9.41 -11.71
C GLN B 159 7.19 -9.91 -10.27
N LEU B 160 7.38 -8.96 -9.35
CA LEU B 160 7.49 -9.27 -7.93
C LEU B 160 6.54 -8.39 -7.13
N ASP B 161 5.60 -9.03 -6.44
CA ASP B 161 4.61 -8.35 -5.62
C ASP B 161 5.30 -7.76 -4.38
N MET B 162 5.23 -6.44 -4.24
CA MET B 162 5.84 -5.77 -3.10
C MET B 162 4.83 -5.18 -2.12
N TRP B 163 3.58 -5.65 -2.21
CA TRP B 163 2.54 -5.21 -1.28
C TRP B 163 2.87 -5.96 0.02
N GLU B 164 2.57 -5.33 1.16
CA GLU B 164 2.86 -5.93 2.46
C GLU B 164 2.24 -7.31 2.74
N HIS B 165 1.05 -7.56 2.21
CA HIS B 165 0.39 -8.85 2.42
C HIS B 165 1.17 -10.01 1.79
N ALA B 166 2.13 -9.69 0.94
CA ALA B 166 2.94 -10.70 0.26
C ALA B 166 4.13 -11.19 1.06
N PHE B 167 4.51 -10.46 2.10
CA PHE B 167 5.67 -10.84 2.90
C PHE B 167 5.61 -10.60 4.41
N TYR B 168 4.67 -9.78 4.86
CA TYR B 168 4.57 -9.45 6.29
C TYR B 168 4.45 -10.60 7.29
N LEU B 169 3.60 -11.58 7.02
CA LEU B 169 3.43 -12.71 7.94
C LEU B 169 4.71 -13.50 8.14
N GLN B 170 5.61 -13.43 7.15
CA GLN B 170 6.85 -14.17 7.21
C GLN B 170 8.11 -13.36 7.51
N TYR B 171 8.33 -12.29 6.75
CA TYR B 171 9.51 -11.44 6.92
C TYR B 171 9.29 -10.15 7.69
N LYS B 172 8.05 -9.90 8.09
CA LYS B 172 7.69 -8.68 8.82
C LYS B 172 8.05 -7.43 8.00
N ASN B 173 8.75 -6.49 8.62
CA ASN B 173 9.15 -5.26 7.95
C ASN B 173 10.39 -5.41 7.06
N VAL B 174 11.09 -6.54 7.17
CA VAL B 174 12.30 -6.76 6.39
C VAL B 174 12.03 -7.20 4.95
N LYS B 175 11.84 -6.21 4.07
CA LYS B 175 11.57 -6.44 2.65
C LYS B 175 12.79 -7.07 1.98
N GLY B 176 13.97 -6.61 2.36
CA GLY B 176 15.21 -7.11 1.80
C GLY B 176 15.39 -8.61 1.82
N ASP B 177 14.92 -9.26 2.89
CA ASP B 177 15.03 -10.70 3.02
C ASP B 177 14.02 -11.44 2.14
N TYR B 178 12.86 -10.83 1.96
CA TYR B 178 11.80 -11.39 1.12
C TYR B 178 12.27 -11.47 -0.34
N VAL B 179 12.81 -10.35 -0.84
CA VAL B 179 13.30 -10.27 -2.21
C VAL B 179 14.49 -11.22 -2.39
N LYS B 180 15.30 -11.36 -1.34
CA LYS B 180 16.47 -12.22 -1.35
C LYS B 180 16.09 -13.69 -1.55
N SER B 181 15.04 -14.12 -0.85
CA SER B 181 14.57 -15.50 -0.93
C SER B 181 13.76 -15.81 -2.18
N TRP B 182 13.17 -14.76 -2.76
CA TRP B 182 12.36 -14.90 -3.97
C TRP B 182 13.16 -15.33 -5.18
N TRP B 183 14.41 -14.86 -5.28
CA TRP B 183 15.27 -15.20 -6.40
C TRP B 183 15.48 -16.71 -6.54
N ASN B 184 15.32 -17.43 -5.43
CA ASN B 184 15.48 -18.89 -5.42
C ASN B 184 14.35 -19.64 -6.11
N VAL B 185 13.17 -19.04 -6.17
CA VAL B 185 12.02 -19.70 -6.80
C VAL B 185 11.54 -19.10 -8.12
N VAL B 186 12.40 -18.34 -8.80
CA VAL B 186 12.04 -17.74 -10.08
C VAL B 186 12.07 -18.77 -11.20
N ASN B 187 10.95 -18.90 -11.91
CA ASN B 187 10.82 -19.84 -13.02
C ASN B 187 11.27 -19.16 -14.31
N TRP B 188 12.56 -19.23 -14.60
CA TRP B 188 13.12 -18.61 -15.79
C TRP B 188 12.63 -19.20 -17.12
N ASP B 189 12.06 -20.39 -17.08
CA ASP B 189 11.53 -21.03 -18.28
C ASP B 189 10.24 -20.33 -18.71
N ASP B 190 9.47 -19.87 -17.72
CA ASP B 190 8.22 -19.16 -17.97
C ASP B 190 8.51 -17.76 -18.54
N VAL B 191 9.54 -17.11 -18.00
CA VAL B 191 9.94 -15.79 -18.45
C VAL B 191 10.44 -15.88 -19.89
N ALA B 192 11.13 -16.98 -20.20
CA ALA B 192 11.67 -17.23 -21.53
C ALA B 192 10.54 -17.32 -22.56
N LEU B 193 9.45 -17.98 -22.20
CA LEU B 193 8.30 -18.13 -23.08
C LEU B 193 7.60 -16.79 -23.30
N ARG B 194 7.51 -15.97 -22.24
CA ARG B 194 6.87 -14.67 -22.33
C ARG B 194 7.69 -13.73 -23.21
N PHE B 195 9.01 -13.86 -23.12
CA PHE B 195 9.93 -13.06 -23.91
C PHE B 195 9.79 -13.38 -25.40
N SER B 196 9.55 -14.65 -25.72
CA SER B 196 9.40 -15.09 -27.11
C SER B 196 8.11 -14.55 -27.74
N GLU B 197 7.01 -14.62 -27.01
CA GLU B 197 5.74 -14.11 -27.51
C GLU B 197 5.72 -12.59 -27.55
N ALA B 198 6.43 -11.96 -26.63
CA ALA B 198 6.49 -10.50 -26.58
C ALA B 198 7.26 -9.95 -27.78
N ARG B 199 8.28 -10.69 -28.20
CA ARG B 199 9.13 -10.31 -29.33
C ARG B 199 8.42 -10.20 -30.68
N VAL B 200 7.30 -10.90 -30.84
CA VAL B 200 6.57 -10.85 -32.09
C VAL B 200 5.59 -9.66 -32.12
N ALA B 201 6.08 -8.50 -31.67
CA ALA B 201 5.31 -7.26 -31.61
C ALA B 201 4.10 -7.36 -30.68
FE FE C . 1.51 2.70 9.69
FE FE D . -0.59 -9.32 -4.04
#